data_8BVI
#
_entry.id   8BVI
#
_cell.length_a   106.898
_cell.length_b   106.898
_cell.length_c   106.898
_cell.angle_alpha   90.000
_cell.angle_beta   90.000
_cell.angle_gamma   90.000
#
_symmetry.space_group_name_H-M   'P 21 3'
#
loop_
_entity.id
_entity.type
_entity.pdbx_description
1 polymer 'DREV methyltransferase'
2 water water
#
_entity_poly.entity_id   1
_entity_poly.type   'polypeptide(L)'
_entity_poly.pdbx_seq_one_letter_code
;GPLGSMASEERTSALRIRCAHCDAVFDERALPYDADVDSLASSALREKFVRLSLDSESVEFLNRARARGRDECERLARKC
TELRRTMSLTEANAILGRGKMFVFSDAHVETLMRACGEGAGGGWFLDVGAGEGEVTRTLARRFAGTCATESSPGMASRLR
EKGFDVVLESDTVENVVRETRARGGDVSEDGFDVVAALNLCDRVRSPRALLRDLKRALKAKTGILILAIVVPFRPFVENA
DGTRSQPDERLDVPSAGSWESGVDALWTELIAPLGFDLVTLSRVPYISEGDHLYDAYVLDDAVFVLRAPP
;
_entity_poly.pdbx_strand_id   A
#
# COMPACT_ATOMS: atom_id res chain seq x y z
N THR A 12 -13.16 5.89 38.10
CA THR A 12 -13.39 4.48 37.82
C THR A 12 -13.61 4.26 36.32
N SER A 13 -13.91 5.34 35.60
CA SER A 13 -14.16 5.26 34.17
C SER A 13 -13.73 6.57 33.52
N ALA A 14 -13.91 6.65 32.21
CA ALA A 14 -13.54 7.84 31.46
C ALA A 14 -14.49 8.99 31.77
N LEU A 15 -14.08 10.19 31.37
CA LEU A 15 -14.89 11.39 31.58
C LEU A 15 -15.88 11.57 30.43
N ARG A 16 -17.08 12.02 30.77
CA ARG A 16 -18.15 12.25 29.81
C ARG A 16 -18.31 13.76 29.64
N ILE A 17 -17.61 14.33 28.66
CA ILE A 17 -17.61 15.76 28.41
C ILE A 17 -18.33 16.01 27.09
N ARG A 18 -19.43 16.75 27.14
CA ARG A 18 -20.19 17.08 25.94
C ARG A 18 -19.57 18.30 25.27
N CYS A 19 -19.10 18.12 24.04
CA CYS A 19 -18.51 19.20 23.26
C CYS A 19 -19.10 19.20 21.86
N ALA A 20 -18.76 20.25 21.10
CA ALA A 20 -19.24 20.40 19.73
C ALA A 20 -18.09 20.77 18.78
N HIS A 21 -16.85 20.48 19.16
CA HIS A 21 -15.71 20.84 18.33
C HIS A 21 -14.48 20.01 18.69
N CYS A 22 -14.68 18.75 19.07
CA CYS A 22 -13.58 17.86 19.42
C CYS A 22 -13.29 16.82 18.34
N ASP A 23 -13.84 17.00 17.13
CA ASP A 23 -13.63 16.08 16.01
C ASP A 23 -14.08 14.66 16.36
N ALA A 24 -13.57 13.68 15.62
CA ALA A 24 -13.92 12.28 15.83
C ALA A 24 -12.70 11.51 16.29
N VAL A 25 -12.90 10.64 17.28
CA VAL A 25 -11.82 9.86 17.86
C VAL A 25 -12.35 8.45 18.14
N PHE A 26 -11.60 7.44 17.68
CA PHE A 26 -11.95 6.04 17.91
C PHE A 26 -10.76 5.31 18.53
N ASP A 27 -11.00 4.07 18.93
CA ASP A 27 -9.97 3.22 19.48
C ASP A 27 -9.51 2.20 18.44
N GLU A 28 -8.73 1.21 18.87
CA GLU A 28 -8.24 0.21 17.93
C GLU A 28 -9.28 -0.85 17.61
N ARG A 29 -10.23 -1.09 18.52
CA ARG A 29 -11.26 -2.09 18.28
C ARG A 29 -12.28 -1.64 17.24
N ALA A 30 -12.42 -0.34 17.01
CA ALA A 30 -13.36 0.18 16.03
C ALA A 30 -12.86 0.04 14.59
N LEU A 31 -11.61 -0.33 14.41
CA LEU A 31 -11.04 -0.46 13.06
C LEU A 31 -11.74 -1.60 12.33
N PRO A 32 -12.33 -1.35 11.15
CA PRO A 32 -13.06 -2.42 10.45
C PRO A 32 -12.10 -3.38 9.76
N TYR A 33 -12.30 -4.68 10.02
CA TYR A 33 -11.53 -5.73 9.38
C TYR A 33 -12.36 -6.67 8.53
N ASP A 34 -13.67 -6.70 8.69
CA ASP A 34 -14.57 -7.55 7.93
C ASP A 34 -15.55 -6.68 7.14
N ALA A 35 -16.42 -7.34 6.38
CA ALA A 35 -17.40 -6.66 5.56
C ALA A 35 -18.54 -7.61 5.25
N ASP A 36 -19.62 -7.05 4.72
CA ASP A 36 -20.78 -7.84 4.33
C ASP A 36 -20.45 -8.65 3.09
N VAL A 37 -20.35 -9.97 3.23
CA VAL A 37 -19.95 -10.82 2.12
C VAL A 37 -21.09 -10.94 1.11
N ASP A 38 -22.32 -11.13 1.58
CA ASP A 38 -23.46 -11.35 0.69
C ASP A 38 -23.90 -10.09 -0.03
N SER A 39 -23.29 -8.93 0.25
CA SER A 39 -23.65 -7.67 -0.41
C SER A 39 -22.73 -7.35 -1.57
N LEU A 40 -22.26 -8.36 -2.30
CA LEU A 40 -21.36 -8.18 -3.43
C LEU A 40 -21.98 -8.86 -4.64
N ALA A 41 -22.26 -8.06 -5.68
CA ALA A 41 -22.86 -8.63 -6.90
C ALA A 41 -21.91 -9.58 -7.61
N SER A 42 -20.61 -9.34 -7.51
CA SER A 42 -19.63 -10.24 -8.11
C SER A 42 -19.54 -11.52 -7.29
N SER A 43 -19.69 -12.67 -7.96
CA SER A 43 -19.69 -13.94 -7.25
C SER A 43 -18.31 -14.28 -6.70
N ALA A 44 -17.26 -14.00 -7.47
CA ALA A 44 -15.91 -14.38 -7.05
C ALA A 44 -15.47 -13.60 -5.83
N LEU A 45 -16.00 -12.40 -5.61
CA LEU A 45 -15.60 -11.58 -4.48
C LEU A 45 -16.12 -12.12 -3.15
N ARG A 46 -17.14 -12.98 -3.18
CA ARG A 46 -17.75 -13.43 -1.93
C ARG A 46 -16.98 -14.60 -1.33
N GLU A 47 -16.72 -15.65 -2.11
CA GLU A 47 -16.04 -16.83 -1.58
C GLU A 47 -14.56 -16.59 -1.36
N LYS A 48 -13.94 -15.71 -2.15
CA LYS A 48 -12.50 -15.46 -2.06
C LYS A 48 -12.16 -14.37 -1.04
N PHE A 49 -12.92 -14.25 0.03
CA PHE A 49 -12.68 -13.25 1.06
C PHE A 49 -12.06 -13.91 2.28
N VAL A 50 -10.95 -13.35 2.77
CA VAL A 50 -10.28 -13.82 3.98
C VAL A 50 -10.25 -12.65 4.95
N ARG A 51 -10.88 -12.84 6.11
CA ARG A 51 -10.97 -11.80 7.13
C ARG A 51 -9.72 -11.81 8.00
N LEU A 52 -8.96 -10.72 7.94
CA LEU A 52 -7.83 -10.52 8.84
C LEU A 52 -8.33 -9.83 10.10
N SER A 53 -7.43 -9.65 11.07
CA SER A 53 -7.81 -9.09 12.36
C SER A 53 -6.64 -8.32 12.94
N LEU A 54 -6.87 -7.70 14.09
CA LEU A 54 -5.82 -6.98 14.80
C LEU A 54 -4.77 -7.95 15.32
N ASP A 55 -3.62 -7.38 15.68
CA ASP A 55 -2.54 -8.15 16.28
C ASP A 55 -1.63 -7.18 17.04
N SER A 56 -0.72 -7.75 17.84
CA SER A 56 0.16 -6.92 18.64
C SER A 56 1.10 -6.09 17.79
N GLU A 57 1.43 -6.56 16.58
CA GLU A 57 2.31 -5.79 15.71
C GLU A 57 1.63 -4.53 15.19
N SER A 58 0.34 -4.62 14.88
CA SER A 58 -0.39 -3.44 14.40
C SER A 58 -0.67 -2.47 15.53
N VAL A 59 -1.00 -2.99 16.73
CA VAL A 59 -1.21 -2.12 17.87
C VAL A 59 0.09 -1.44 18.29
N GLU A 60 1.22 -2.15 18.16
CA GLU A 60 2.51 -1.56 18.46
C GLU A 60 2.79 -0.34 17.60
N PHE A 61 2.34 -0.36 16.34
CA PHE A 61 2.52 0.79 15.47
C PHE A 61 1.63 1.96 15.89
N LEU A 62 0.50 1.66 16.53
CA LEU A 62 -0.42 2.73 16.94
C LEU A 62 0.15 3.55 18.10
N ASN A 63 0.95 2.94 18.96
CA ASN A 63 1.50 3.60 20.13
C ASN A 63 2.86 4.24 19.88
N ARG A 64 3.28 4.35 18.61
CA ARG A 64 4.56 4.98 18.32
C ARG A 64 4.52 6.47 18.59
N ALA A 65 3.37 7.11 18.32
CA ALA A 65 3.24 8.54 18.62
C ALA A 65 3.11 8.78 20.11
N ARG A 66 2.48 7.86 20.84
CA ARG A 66 2.34 8.02 22.28
C ARG A 66 3.68 7.84 22.98
N ALA A 67 4.45 6.82 22.60
CA ALA A 67 5.74 6.58 23.24
C ALA A 67 6.82 7.54 22.79
N ARG A 68 6.52 8.42 21.83
CA ARG A 68 7.50 9.39 21.35
C ARG A 68 7.47 10.68 22.14
N GLY A 69 6.34 11.02 22.76
CA GLY A 69 6.21 12.25 23.50
C GLY A 69 5.47 13.32 22.72
N ARG A 70 4.62 14.09 23.41
CA ARG A 70 3.88 15.15 22.73
C ARG A 70 4.81 16.28 22.27
N ASP A 71 5.75 16.68 23.13
CA ASP A 71 6.66 17.76 22.76
C ASP A 71 7.58 17.36 21.61
N GLU A 72 7.91 16.07 21.51
CA GLU A 72 8.76 15.62 20.41
C GLU A 72 7.99 15.52 19.10
N CYS A 73 6.73 15.07 19.16
CA CYS A 73 5.92 15.02 17.95
C CYS A 73 5.61 16.42 17.41
N GLU A 74 5.63 17.43 18.29
CA GLU A 74 5.43 18.81 17.84
C GLU A 74 6.69 19.38 17.19
N ARG A 75 7.87 19.00 17.69
CA ARG A 75 9.11 19.49 17.10
C ARG A 75 9.29 18.94 15.68
N LEU A 76 8.92 17.67 15.47
CA LEU A 76 9.05 17.08 14.14
C LEU A 76 8.02 17.65 13.18
N ALA A 77 6.81 17.95 13.68
CA ALA A 77 5.77 18.50 12.82
C ALA A 77 6.14 19.89 12.33
N ARG A 78 6.68 20.73 13.22
CA ARG A 78 7.10 22.07 12.79
C ARG A 78 8.30 22.00 11.85
N LYS A 79 9.22 21.06 12.11
CA LYS A 79 10.39 20.93 11.24
C LYS A 79 10.02 20.32 9.90
N CYS A 80 8.95 19.52 9.85
CA CYS A 80 8.53 18.91 8.60
C CYS A 80 7.95 19.96 7.65
N THR A 81 7.06 20.82 8.17
CA THR A 81 6.50 21.88 7.34
C THR A 81 7.58 22.85 6.85
N GLU A 82 8.61 23.08 7.67
CA GLU A 82 9.70 23.94 7.25
C GLU A 82 10.58 23.26 6.20
N LEU A 83 10.71 21.94 6.26
CA LEU A 83 11.54 21.22 5.29
C LEU A 83 10.84 21.08 3.94
N ARG A 84 9.53 20.85 3.94
CA ARG A 84 8.81 20.57 2.71
C ARG A 84 8.57 21.81 1.86
N ARG A 85 9.21 22.94 2.16
CA ARG A 85 9.14 24.09 1.26
C ARG A 85 9.91 23.85 -0.03
N THR A 86 10.87 22.92 -0.02
CA THR A 86 11.67 22.61 -1.19
C THR A 86 11.58 21.14 -1.59
N MET A 87 10.67 20.37 -0.99
CA MET A 87 10.53 18.96 -1.30
C MET A 87 9.08 18.55 -1.04
N SER A 88 8.80 17.28 -1.29
CA SER A 88 7.46 16.74 -1.08
C SER A 88 7.25 16.42 0.40
N LEU A 89 6.05 15.93 0.72
CA LEU A 89 5.75 15.55 2.10
C LEU A 89 6.42 14.24 2.50
N THR A 90 6.40 13.25 1.61
CA THR A 90 6.97 11.95 1.93
C THR A 90 8.49 12.03 2.08
N GLU A 91 9.15 12.88 1.29
CA GLU A 91 10.60 13.02 1.41
C GLU A 91 10.99 13.68 2.72
N ALA A 92 10.18 14.63 3.20
CA ALA A 92 10.50 15.31 4.45
C ALA A 92 10.32 14.38 5.65
N ASN A 93 9.34 13.47 5.59
CA ASN A 93 9.13 12.53 6.69
C ASN A 93 10.28 11.53 6.79
N ALA A 94 10.82 11.11 5.64
CA ALA A 94 11.92 10.15 5.65
C ALA A 94 13.18 10.75 6.25
N ILE A 95 13.39 12.07 6.09
CA ILE A 95 14.56 12.71 6.66
C ILE A 95 14.43 12.82 8.18
N LEU A 96 13.21 13.02 8.68
CA LEU A 96 12.98 13.17 10.11
C LEU A 96 12.61 11.87 10.81
N GLY A 97 12.36 10.80 10.07
CA GLY A 97 12.00 9.53 10.68
C GLY A 97 10.59 9.50 11.24
N ARG A 98 9.67 10.25 10.65
CA ARG A 98 8.28 10.31 11.09
C ARG A 98 7.37 9.93 9.92
N GLY A 99 6.06 10.00 10.18
CA GLY A 99 5.07 9.75 9.13
C GLY A 99 5.18 8.40 8.48
N LYS A 100 5.59 7.38 9.22
CA LYS A 100 5.72 6.05 8.65
C LYS A 100 4.35 5.45 8.36
N MET A 101 4.30 4.57 7.37
CA MET A 101 3.06 3.94 6.94
C MET A 101 3.06 2.47 7.32
N PHE A 102 1.89 1.95 7.68
CA PHE A 102 1.74 0.55 8.03
C PHE A 102 0.48 0.00 7.38
N VAL A 103 0.61 -1.16 6.74
CA VAL A 103 -0.52 -1.82 6.10
C VAL A 103 -0.55 -3.29 6.51
N PHE A 104 0.56 -3.99 6.30
CA PHE A 104 0.65 -5.43 6.54
C PHE A 104 1.53 -5.70 7.76
N SER A 105 1.09 -6.65 8.57
CA SER A 105 1.90 -7.20 9.65
C SER A 105 2.47 -8.55 9.22
N ASP A 106 3.36 -9.09 10.05
CA ASP A 106 3.96 -10.38 9.74
C ASP A 106 2.90 -11.48 9.73
N ALA A 107 1.93 -11.40 10.63
CA ALA A 107 0.83 -12.36 10.63
C ALA A 107 -0.02 -12.23 9.37
N HIS A 108 -0.18 -11.00 8.87
CA HIS A 108 -0.90 -10.81 7.62
C HIS A 108 -0.14 -11.39 6.44
N VAL A 109 1.19 -11.42 6.53
CA VAL A 109 2.00 -11.96 5.44
C VAL A 109 1.82 -13.47 5.34
N GLU A 110 2.05 -14.17 6.46
CA GLU A 110 1.95 -15.64 6.45
C GLU A 110 0.55 -16.12 6.08
N THR A 111 -0.48 -15.31 6.32
CA THR A 111 -1.84 -15.71 5.97
C THR A 111 -2.06 -15.68 4.46
N LEU A 112 -1.64 -14.59 3.81
CA LEU A 112 -1.87 -14.44 2.37
C LEU A 112 -0.85 -15.20 1.55
N MET A 113 0.38 -15.34 2.03
CA MET A 113 1.39 -16.09 1.28
C MET A 113 1.03 -17.56 1.18
N ARG A 114 0.46 -18.13 2.24
CA ARG A 114 -0.02 -19.51 2.18
C ARG A 114 -1.26 -19.64 1.31
N ALA A 115 -1.98 -18.55 1.08
CA ALA A 115 -3.19 -18.60 0.25
C ALA A 115 -2.86 -18.58 -1.23
N CYS A 116 -1.78 -17.91 -1.63
CA CYS A 116 -1.39 -17.82 -3.03
C CYS A 116 -0.53 -18.99 -3.48
N GLY A 117 -0.36 -20.00 -2.65
CA GLY A 117 0.45 -21.16 -2.99
C GLY A 117 1.92 -21.01 -2.69
N GLU A 118 2.52 -19.89 -3.06
CA GLU A 118 3.93 -19.62 -2.82
C GLU A 118 4.11 -19.12 -1.38
N GLY A 119 3.87 -20.02 -0.43
CA GLY A 119 4.00 -19.69 0.97
C GLY A 119 5.42 -19.73 1.46
N ALA A 120 6.20 -20.68 0.95
CA ALA A 120 7.60 -20.79 1.33
C ALA A 120 8.42 -19.66 0.70
N GLY A 121 9.56 -19.38 1.32
CA GLY A 121 10.44 -18.34 0.82
C GLY A 121 11.10 -18.71 -0.49
N GLY A 122 11.73 -17.72 -1.10
CA GLY A 122 12.41 -17.90 -2.35
C GLY A 122 11.70 -17.19 -3.49
N GLY A 123 12.48 -16.77 -4.47
CA GLY A 123 11.96 -16.07 -5.63
C GLY A 123 12.41 -14.62 -5.65
N TRP A 124 11.79 -13.85 -6.55
CA TRP A 124 12.08 -12.44 -6.73
C TRP A 124 10.85 -11.61 -6.40
N PHE A 125 11.07 -10.47 -5.75
CA PHE A 125 10.00 -9.58 -5.32
C PHE A 125 10.27 -8.18 -5.83
N LEU A 126 9.22 -7.51 -6.28
CA LEU A 126 9.30 -6.15 -6.78
C LEU A 126 8.33 -5.27 -6.00
N ASP A 127 8.84 -4.20 -5.41
CA ASP A 127 8.04 -3.25 -4.65
C ASP A 127 7.97 -1.95 -5.43
N VAL A 128 6.79 -1.61 -5.93
CA VAL A 128 6.58 -0.40 -6.70
C VAL A 128 6.19 0.72 -5.75
N GLY A 129 6.89 1.85 -5.87
CA GLY A 129 6.62 3.00 -5.01
C GLY A 129 6.98 2.75 -3.57
N ALA A 130 8.17 2.19 -3.33
CA ALA A 130 8.58 1.87 -1.96
C ALA A 130 8.96 3.12 -1.19
N GLY A 131 9.93 3.88 -1.71
CA GLY A 131 10.41 5.06 -1.03
C GLY A 131 11.16 4.71 0.24
N GLU A 132 10.43 4.26 1.26
CA GLU A 132 11.04 3.82 2.51
C GLU A 132 10.96 2.32 2.73
N GLY A 133 10.04 1.63 2.04
CA GLY A 133 9.97 0.18 2.11
C GLY A 133 9.56 -0.40 3.44
N GLU A 134 9.23 0.44 4.43
CA GLU A 134 8.84 -0.06 5.74
C GLU A 134 7.54 -0.85 5.68
N VAL A 135 6.66 -0.51 4.74
CA VAL A 135 5.41 -1.25 4.61
C VAL A 135 5.66 -2.67 4.12
N THR A 136 6.58 -2.84 3.17
CA THR A 136 6.91 -4.13 2.61
C THR A 136 8.17 -4.74 3.21
N ARG A 137 8.54 -4.30 4.42
CA ARG A 137 9.77 -4.81 5.03
C ARG A 137 9.61 -6.26 5.46
N THR A 138 8.52 -6.57 6.17
CA THR A 138 8.29 -7.94 6.62
C THR A 138 8.04 -8.90 5.47
N LEU A 139 7.61 -8.40 4.32
CA LEU A 139 7.31 -9.26 3.17
C LEU A 139 8.59 -9.61 2.42
N ALA A 140 9.54 -8.68 2.32
CA ALA A 140 10.75 -8.91 1.56
C ALA A 140 11.73 -9.85 2.26
N ARG A 141 11.44 -10.28 3.49
CA ARG A 141 12.31 -11.21 4.20
C ARG A 141 12.28 -12.62 3.61
N ARG A 142 11.31 -12.93 2.76
CA ARG A 142 11.15 -14.28 2.24
C ARG A 142 11.87 -14.50 0.91
N PHE A 143 12.03 -13.45 0.11
CA PHE A 143 12.56 -13.59 -1.24
C PHE A 143 14.08 -13.46 -1.24
N ALA A 144 14.74 -14.33 -2.02
CA ALA A 144 16.19 -14.26 -2.16
C ALA A 144 16.63 -13.04 -2.95
N GLY A 145 15.76 -12.50 -3.81
CA GLY A 145 16.07 -11.29 -4.55
C GLY A 145 14.96 -10.27 -4.42
N THR A 146 15.31 -9.04 -4.02
CA THR A 146 14.33 -7.98 -3.82
C THR A 146 14.70 -6.79 -4.68
N CYS A 147 13.70 -6.24 -5.38
CA CYS A 147 13.87 -5.05 -6.19
C CYS A 147 12.85 -4.00 -5.78
N ALA A 148 13.17 -2.74 -6.05
CA ALA A 148 12.30 -1.63 -5.68
C ALA A 148 12.42 -0.53 -6.71
N THR A 149 11.32 0.20 -6.90
CA THR A 149 11.28 1.33 -7.82
C THR A 149 10.81 2.56 -7.05
N GLU A 150 11.61 3.62 -7.09
CA GLU A 150 11.26 4.88 -6.42
C GLU A 150 11.84 6.04 -7.20
N SER A 151 10.99 7.04 -7.50
CA SER A 151 11.42 8.18 -8.29
C SER A 151 12.25 9.19 -7.49
N SER A 152 12.21 9.13 -6.17
CA SER A 152 12.95 10.07 -5.36
C SER A 152 14.42 9.65 -5.26
N PRO A 153 15.36 10.52 -5.60
CA PRO A 153 16.78 10.12 -5.51
C PRO A 153 17.24 9.84 -4.10
N GLY A 154 16.88 10.71 -3.14
CA GLY A 154 17.31 10.50 -1.76
C GLY A 154 16.74 9.23 -1.16
N MET A 155 15.46 8.96 -1.41
CA MET A 155 14.84 7.76 -0.87
C MET A 155 15.30 6.50 -1.59
N ALA A 156 15.75 6.63 -2.84
CA ALA A 156 16.28 5.47 -3.55
C ALA A 156 17.59 4.99 -2.93
N SER A 157 18.44 5.92 -2.50
CA SER A 157 19.68 5.55 -1.83
C SER A 157 19.42 4.87 -0.49
N ARG A 158 18.35 5.29 0.22
CA ARG A 158 17.99 4.65 1.47
C ARG A 158 17.57 3.20 1.26
N LEU A 159 16.94 2.89 0.12
CA LEU A 159 16.50 1.53 -0.13
C LEU A 159 17.68 0.60 -0.41
N ARG A 160 18.76 1.12 -1.01
CA ARG A 160 19.93 0.31 -1.29
C ARG A 160 20.71 -0.05 -0.02
N GLU A 161 20.37 0.55 1.12
CA GLU A 161 21.06 0.28 2.37
C GLU A 161 20.25 -0.61 3.32
N LYS A 162 18.97 -0.83 3.03
CA LYS A 162 18.12 -1.62 3.92
C LYS A 162 18.05 -3.09 3.54
N GLY A 163 18.58 -3.47 2.37
CA GLY A 163 18.59 -4.87 2.00
C GLY A 163 18.18 -5.14 0.55
N PHE A 164 17.65 -4.11 -0.11
CA PHE A 164 17.23 -4.27 -1.50
C PHE A 164 18.44 -4.46 -2.40
N ASP A 165 18.37 -5.48 -3.26
CA ASP A 165 19.49 -5.78 -4.15
C ASP A 165 19.57 -4.80 -5.32
N VAL A 166 18.43 -4.48 -5.92
CA VAL A 166 18.36 -3.54 -7.04
C VAL A 166 17.28 -2.51 -6.72
N VAL A 167 17.61 -1.23 -6.89
CA VAL A 167 16.68 -0.14 -6.66
C VAL A 167 16.68 0.73 -7.91
N LEU A 168 15.59 0.68 -8.68
CA LEU A 168 15.47 1.47 -9.89
C LEU A 168 14.93 2.86 -9.56
N GLU A 169 15.66 3.89 -9.98
CA GLU A 169 15.29 5.27 -9.69
C GLU A 169 14.44 5.82 -10.84
N SER A 170 13.19 5.37 -10.87
CA SER A 170 12.24 5.81 -11.89
C SER A 170 10.83 5.59 -11.36
N ASP A 171 9.87 6.24 -12.02
CA ASP A 171 8.47 6.16 -11.64
C ASP A 171 7.65 5.28 -12.58
N THR A 172 8.27 4.71 -13.61
CA THR A 172 7.59 3.83 -14.55
C THR A 172 8.09 2.40 -14.39
N VAL A 173 7.32 1.48 -14.96
CA VAL A 173 7.64 0.05 -14.88
C VAL A 173 7.45 -0.58 -16.26
N GLU A 174 7.80 0.15 -17.32
CA GLU A 174 7.65 -0.37 -18.67
C GLU A 174 8.62 -1.51 -18.92
N ASN A 175 9.91 -1.29 -18.70
CA ASN A 175 10.95 -2.30 -18.87
C ASN A 175 11.60 -2.66 -17.54
N VAL A 176 10.77 -2.83 -16.50
CA VAL A 176 11.31 -3.11 -15.17
C VAL A 176 11.94 -4.49 -15.13
N VAL A 177 11.35 -5.47 -15.81
CA VAL A 177 11.90 -6.81 -15.81
C VAL A 177 13.24 -6.85 -16.56
N ARG A 178 13.43 -5.97 -17.54
CA ARG A 178 14.66 -5.95 -18.30
C ARG A 178 15.70 -5.01 -17.70
N GLU A 179 15.27 -3.91 -17.08
CA GLU A 179 16.20 -2.97 -16.47
C GLU A 179 16.79 -3.50 -15.18
N THR A 180 16.06 -4.39 -14.48
CA THR A 180 16.59 -4.99 -13.27
C THR A 180 17.78 -5.89 -13.57
N ARG A 181 17.69 -6.68 -14.65
CA ARG A 181 18.80 -7.53 -15.04
C ARG A 181 20.03 -6.74 -15.46
N ALA A 182 19.84 -5.49 -15.90
CA ALA A 182 20.99 -4.67 -16.28
C ALA A 182 21.80 -4.19 -15.09
N ARG A 183 21.21 -4.20 -13.90
CA ARG A 183 21.87 -3.75 -12.67
C ARG A 183 22.15 -4.91 -11.72
N GLY A 184 22.42 -6.11 -12.26
CA GLY A 184 22.75 -7.25 -11.45
C GLY A 184 21.56 -8.03 -10.91
N GLY A 185 20.33 -7.61 -11.22
CA GLY A 185 19.16 -8.33 -10.76
C GLY A 185 18.97 -9.65 -11.48
N ASP A 186 19.40 -10.74 -10.85
CA ASP A 186 19.29 -12.08 -11.45
C ASP A 186 17.85 -12.57 -11.34
N VAL A 187 16.96 -11.87 -12.04
CA VAL A 187 15.55 -12.20 -12.09
C VAL A 187 15.27 -12.93 -13.40
N SER A 188 14.25 -13.78 -13.39
CA SER A 188 13.90 -14.54 -14.58
C SER A 188 13.49 -13.61 -15.72
N GLU A 189 13.79 -14.03 -16.95
CA GLU A 189 13.46 -13.24 -18.13
C GLU A 189 11.96 -13.17 -18.39
N ASP A 190 11.16 -14.03 -17.76
CA ASP A 190 9.73 -14.08 -17.99
C ASP A 190 8.95 -13.21 -17.00
N GLY A 191 9.62 -12.53 -16.09
CA GLY A 191 8.97 -11.64 -15.15
C GLY A 191 9.26 -12.02 -13.70
N PHE A 192 8.81 -11.15 -12.81
CA PHE A 192 8.97 -11.37 -11.38
C PHE A 192 7.97 -12.42 -10.89
N ASP A 193 8.19 -12.88 -9.66
CA ASP A 193 7.30 -13.85 -9.02
C ASP A 193 6.14 -13.13 -8.32
N VAL A 194 6.46 -12.22 -7.41
CA VAL A 194 5.46 -11.46 -6.65
C VAL A 194 5.78 -9.98 -6.81
N VAL A 195 4.77 -9.19 -7.13
CA VAL A 195 4.91 -7.74 -7.28
C VAL A 195 3.84 -7.08 -6.43
N ALA A 196 4.24 -6.06 -5.66
CA ALA A 196 3.34 -5.35 -4.77
C ALA A 196 3.18 -3.90 -5.24
N ALA A 197 1.92 -3.47 -5.41
CA ALA A 197 1.58 -2.10 -5.77
C ALA A 197 0.59 -1.60 -4.72
N LEU A 198 1.13 -1.16 -3.58
CA LEU A 198 0.33 -0.79 -2.42
C LEU A 198 -0.02 0.70 -2.48
N ASN A 199 -1.30 1.01 -2.65
CA ASN A 199 -1.82 2.37 -2.59
C ASN A 199 -1.11 3.27 -3.61
N LEU A 200 -1.28 2.92 -4.88
CA LEU A 200 -0.69 3.67 -5.98
C LEU A 200 -1.68 4.05 -7.08
N CYS A 201 -2.83 3.37 -7.18
CA CYS A 201 -3.79 3.68 -8.23
C CYS A 201 -4.45 5.04 -8.03
N ASP A 202 -4.51 5.53 -6.79
CA ASP A 202 -5.11 6.83 -6.52
C ASP A 202 -4.16 7.99 -6.82
N ARG A 203 -2.90 7.71 -7.14
CA ARG A 203 -1.92 8.74 -7.46
C ARG A 203 -1.47 8.75 -8.91
N VAL A 204 -1.43 7.58 -9.56
CA VAL A 204 -1.00 7.53 -10.96
C VAL A 204 -2.08 8.14 -11.86
N ARG A 205 -1.67 8.47 -13.07
CA ARG A 205 -2.57 9.07 -14.05
C ARG A 205 -3.38 8.01 -14.80
N SER A 206 -2.73 6.94 -15.26
CA SER A 206 -3.40 5.88 -15.98
C SER A 206 -3.41 4.61 -15.14
N PRO A 207 -4.50 4.33 -14.41
CA PRO A 207 -4.53 3.08 -13.63
C PRO A 207 -4.60 1.83 -14.48
N ARG A 208 -5.27 1.89 -15.65
CA ARG A 208 -5.29 0.74 -16.54
C ARG A 208 -3.90 0.44 -17.09
N ALA A 209 -3.21 1.48 -17.58
CA ALA A 209 -1.86 1.29 -18.10
C ALA A 209 -0.89 0.85 -17.01
N LEU A 210 -1.18 1.15 -15.74
CA LEU A 210 -0.33 0.67 -14.66
C LEU A 210 -0.48 -0.84 -14.48
N LEU A 211 -1.72 -1.33 -14.42
CA LEU A 211 -1.94 -2.76 -14.27
C LEU A 211 -1.46 -3.53 -15.50
N ARG A 212 -1.55 -2.92 -16.69
CA ARG A 212 -1.00 -3.57 -17.88
C ARG A 212 0.51 -3.68 -17.80
N ASP A 213 1.17 -2.66 -17.27
CA ASP A 213 2.60 -2.75 -17.03
C ASP A 213 2.92 -3.73 -15.91
N LEU A 214 2.06 -3.80 -14.89
CA LEU A 214 2.24 -4.79 -13.83
C LEU A 214 1.97 -6.20 -14.33
N LYS A 215 1.13 -6.33 -15.36
CA LYS A 215 0.83 -7.66 -15.91
C LYS A 215 2.02 -8.21 -16.67
N ARG A 216 2.59 -7.43 -17.58
CA ARG A 216 3.74 -7.87 -18.37
C ARG A 216 5.03 -7.94 -17.56
N ALA A 217 5.01 -7.53 -16.29
CA ALA A 217 6.17 -7.65 -15.43
C ALA A 217 6.17 -8.91 -14.59
N LEU A 218 5.09 -9.69 -14.63
CA LEU A 218 4.98 -10.94 -13.89
C LEU A 218 5.14 -12.14 -14.82
N LYS A 219 5.41 -13.29 -14.21
CA LYS A 219 5.48 -14.53 -14.97
C LYS A 219 4.09 -14.96 -15.42
N ALA A 220 4.07 -15.82 -16.44
CA ALA A 220 2.82 -16.42 -16.87
C ALA A 220 2.39 -17.50 -15.88
N LYS A 221 1.08 -17.73 -15.81
CA LYS A 221 0.50 -18.72 -14.90
C LYS A 221 0.88 -18.42 -13.45
N THR A 222 2.11 -18.77 -13.07
CA THR A 222 2.60 -18.56 -11.71
C THR A 222 3.12 -17.12 -11.59
N GLY A 223 2.19 -16.20 -11.35
CA GLY A 223 2.52 -14.81 -11.17
C GLY A 223 1.61 -14.11 -10.18
N ILE A 224 2.12 -13.87 -8.97
CA ILE A 224 1.32 -13.30 -7.89
C ILE A 224 1.42 -11.78 -7.95
N LEU A 225 0.28 -11.11 -7.82
CA LEU A 225 0.20 -9.65 -7.78
C LEU A 225 -0.52 -9.23 -6.52
N ILE A 226 0.05 -8.25 -5.81
CA ILE A 226 -0.53 -7.71 -4.59
C ILE A 226 -0.89 -6.26 -4.87
N LEU A 227 -2.19 -5.96 -4.83
CA LEU A 227 -2.71 -4.64 -5.15
C LEU A 227 -3.50 -4.10 -3.97
N ALA A 228 -3.23 -2.86 -3.59
CA ALA A 228 -3.92 -2.20 -2.50
C ALA A 228 -4.44 -0.85 -3.00
N ILE A 229 -5.74 -0.60 -2.77
CA ILE A 229 -6.38 0.63 -3.21
C ILE A 229 -7.21 1.17 -2.05
N VAL A 230 -7.08 2.48 -1.79
CA VAL A 230 -7.82 3.10 -0.70
C VAL A 230 -9.28 3.27 -1.11
N VAL A 231 -10.17 2.82 -0.24
CA VAL A 231 -11.62 2.93 -0.46
C VAL A 231 -12.17 3.96 0.52
N PRO A 232 -12.95 4.95 0.06
CA PRO A 232 -13.41 5.20 -1.31
C PRO A 232 -12.29 5.64 -2.25
N PHE A 233 -12.46 5.41 -3.55
CA PHE A 233 -11.43 5.68 -4.54
C PHE A 233 -11.61 7.11 -5.06
N ARG A 234 -10.76 8.02 -4.59
CA ARG A 234 -10.74 9.40 -5.04
C ARG A 234 -9.48 9.63 -5.87
N PRO A 235 -9.54 9.47 -7.19
CA PRO A 235 -8.33 9.63 -8.01
C PRO A 235 -8.04 11.10 -8.30
N PHE A 236 -6.80 11.51 -8.02
CA PHE A 236 -6.34 12.84 -8.41
C PHE A 236 -4.82 12.79 -8.51
N VAL A 237 -4.28 13.37 -9.58
CA VAL A 237 -2.86 13.30 -9.90
C VAL A 237 -2.21 14.63 -9.57
N GLU A 238 -1.07 14.59 -8.89
CA GLU A 238 -0.31 15.78 -8.55
C GLU A 238 0.85 15.90 -9.53
N ASN A 239 0.87 16.99 -10.30
CA ASN A 239 1.92 17.22 -11.28
C ASN A 239 3.23 17.57 -10.61
N ALA A 240 3.33 18.80 -10.09
CA ALA A 240 4.55 19.25 -9.45
C ALA A 240 4.24 20.07 -8.20
N ASP A 241 4.89 21.22 -8.05
CA ASP A 241 4.72 22.09 -6.89
C ASP A 241 3.57 23.05 -7.15
N GLY A 242 2.49 22.92 -6.39
CA GLY A 242 1.36 23.80 -6.54
C GLY A 242 0.60 23.64 -7.83
N THR A 243 0.64 22.46 -8.43
CA THR A 243 -0.04 22.17 -9.70
C THR A 243 -0.90 20.92 -9.50
N ARG A 244 -2.19 21.13 -9.22
CA ARG A 244 -3.12 20.03 -9.03
C ARG A 244 -3.83 19.73 -10.33
N SER A 245 -3.91 18.44 -10.67
CA SER A 245 -4.54 18.03 -11.92
C SER A 245 -5.69 17.06 -11.68
N GLN A 246 -6.11 16.35 -12.72
CA GLN A 246 -7.22 15.41 -12.64
C GLN A 246 -6.89 14.17 -13.46
N PRO A 247 -7.36 13.00 -13.03
CA PRO A 247 -7.09 11.79 -13.81
C PRO A 247 -7.87 11.76 -15.10
N ASP A 248 -7.27 11.16 -16.12
CA ASP A 248 -7.91 11.09 -17.43
C ASP A 248 -8.90 9.94 -17.53
N GLU A 249 -8.57 8.79 -16.95
CA GLU A 249 -9.45 7.63 -17.02
C GLU A 249 -10.53 7.75 -15.95
N ARG A 250 -11.76 8.03 -16.39
CA ARG A 250 -12.90 8.13 -15.48
C ARG A 250 -13.44 6.73 -15.24
N LEU A 251 -12.94 6.09 -14.20
CA LEU A 251 -13.40 4.75 -13.83
C LEU A 251 -14.75 4.82 -13.15
N ASP A 252 -15.63 3.87 -13.48
CA ASP A 252 -16.97 3.83 -12.90
C ASP A 252 -16.90 3.38 -11.44
N VAL A 253 -16.27 4.18 -10.59
CA VAL A 253 -16.13 3.88 -9.17
C VAL A 253 -16.63 5.05 -8.36
N PRO A 254 -17.56 4.84 -7.42
CA PRO A 254 -18.06 5.96 -6.62
C PRO A 254 -16.98 6.54 -5.73
N SER A 255 -17.05 7.86 -5.53
CA SER A 255 -16.09 8.58 -4.70
C SER A 255 -16.49 8.59 -3.22
N ALA A 256 -17.58 7.92 -2.87
CA ALA A 256 -18.02 7.84 -1.47
C ALA A 256 -18.76 6.53 -1.29
N GLY A 257 -19.60 6.45 -0.26
CA GLY A 257 -20.38 5.26 -0.01
C GLY A 257 -19.72 4.28 0.93
N SER A 258 -20.01 2.99 0.76
CA SER A 258 -19.48 1.96 1.63
C SER A 258 -18.25 1.30 1.02
N TRP A 259 -17.61 0.43 1.81
CA TRP A 259 -16.43 -0.28 1.34
C TRP A 259 -16.78 -1.36 0.35
N GLU A 260 -17.95 -1.99 0.49
CA GLU A 260 -18.33 -3.08 -0.40
C GLU A 260 -18.68 -2.57 -1.80
N SER A 261 -19.26 -1.39 -1.90
CA SER A 261 -19.62 -0.84 -3.20
C SER A 261 -18.38 -0.44 -4.00
N GLY A 262 -17.37 0.09 -3.32
CA GLY A 262 -16.15 0.46 -4.01
C GLY A 262 -15.34 -0.74 -4.47
N VAL A 263 -15.40 -1.84 -3.71
CA VAL A 263 -14.66 -3.04 -4.10
C VAL A 263 -15.29 -3.66 -5.35
N ASP A 264 -16.62 -3.82 -5.35
CA ASP A 264 -17.29 -4.39 -6.51
C ASP A 264 -17.18 -3.48 -7.73
N ALA A 265 -17.05 -2.17 -7.51
CA ALA A 265 -16.85 -1.24 -8.63
C ALA A 265 -15.41 -1.27 -9.13
N LEU A 266 -14.45 -1.41 -8.21
CA LEU A 266 -13.05 -1.51 -8.62
C LEU A 266 -12.72 -2.89 -9.17
N TRP A 267 -13.45 -3.92 -8.75
CA TRP A 267 -13.25 -5.25 -9.31
C TRP A 267 -13.55 -5.27 -10.81
N THR A 268 -14.79 -4.96 -11.17
CA THR A 268 -15.13 -4.78 -12.57
C THR A 268 -14.52 -3.48 -13.09
N GLU A 269 -14.69 -3.24 -14.40
CA GLU A 269 -14.25 -2.01 -15.05
C GLU A 269 -12.74 -1.84 -15.06
N LEU A 270 -12.07 -2.17 -13.94
CA LEU A 270 -10.63 -1.95 -13.82
C LEU A 270 -9.87 -3.26 -13.63
N ILE A 271 -10.06 -3.95 -12.50
CA ILE A 271 -9.22 -5.11 -12.19
C ILE A 271 -9.61 -6.31 -13.05
N ALA A 272 -10.90 -6.64 -13.07
CA ALA A 272 -11.34 -7.83 -13.81
C ALA A 272 -11.06 -7.77 -15.31
N PRO A 273 -11.25 -6.66 -16.02
CA PRO A 273 -10.93 -6.65 -17.46
C PRO A 273 -9.48 -6.99 -17.77
N LEU A 274 -8.57 -6.86 -16.81
CA LEU A 274 -7.18 -7.22 -17.07
C LEU A 274 -6.99 -8.73 -17.20
N GLY A 275 -7.92 -9.53 -16.69
CA GLY A 275 -7.85 -10.97 -16.86
C GLY A 275 -7.05 -11.68 -15.77
N PHE A 276 -7.16 -11.19 -14.54
CA PHE A 276 -6.47 -11.81 -13.42
C PHE A 276 -7.36 -12.85 -12.74
N ASP A 277 -6.73 -13.70 -11.94
CA ASP A 277 -7.41 -14.73 -11.17
C ASP A 277 -7.35 -14.35 -9.70
N LEU A 278 -8.49 -13.98 -9.14
CA LEU A 278 -8.54 -13.53 -7.75
C LEU A 278 -8.19 -14.67 -6.79
N VAL A 279 -7.09 -14.52 -6.08
CA VAL A 279 -6.71 -15.53 -5.08
C VAL A 279 -7.45 -15.29 -3.77
N THR A 280 -7.25 -14.12 -3.18
CA THR A 280 -7.92 -13.78 -1.93
C THR A 280 -8.12 -12.27 -1.85
N LEU A 281 -9.16 -11.86 -1.13
CA LEU A 281 -9.49 -10.47 -0.91
C LEU A 281 -9.60 -10.22 0.59
N SER A 282 -9.00 -9.13 1.06
CA SER A 282 -8.99 -8.81 2.48
C SER A 282 -9.21 -7.32 2.66
N ARG A 283 -9.49 -6.93 3.91
CA ARG A 283 -9.76 -5.55 4.27
C ARG A 283 -8.90 -5.21 5.49
N VAL A 284 -7.89 -4.37 5.30
CA VAL A 284 -6.99 -3.97 6.36
C VAL A 284 -7.00 -2.45 6.50
N PRO A 285 -6.74 -1.90 7.68
CA PRO A 285 -6.69 -0.44 7.82
C PRO A 285 -5.36 0.12 7.33
N TYR A 286 -5.44 1.25 6.63
CA TYR A 286 -4.27 1.96 6.13
C TYR A 286 -3.82 2.92 7.23
N ILE A 287 -2.92 2.46 8.09
CA ILE A 287 -2.52 3.19 9.28
C ILE A 287 -1.37 4.13 8.94
N SER A 288 -1.47 5.37 9.40
CA SER A 288 -0.40 6.35 9.30
C SER A 288 0.03 6.76 10.71
N GLU A 289 1.33 7.01 10.87
CA GLU A 289 1.86 7.33 12.18
C GLU A 289 1.29 8.65 12.69
N GLY A 290 0.90 8.67 13.96
CA GLY A 290 0.28 9.83 14.56
C GLY A 290 1.28 10.90 14.93
N ASP A 291 0.83 11.83 15.77
CA ASP A 291 1.65 12.96 16.18
C ASP A 291 1.27 13.44 17.59
N HIS A 292 1.27 14.75 17.80
CA HIS A 292 0.93 15.32 19.10
C HIS A 292 -0.57 15.48 19.29
N LEU A 293 -1.37 15.38 18.22
CA LEU A 293 -2.81 15.51 18.31
C LEU A 293 -3.50 14.15 18.42
N TYR A 294 -3.29 13.29 17.42
CA TYR A 294 -3.90 11.97 17.39
C TYR A 294 -2.82 10.90 17.43
N ASP A 295 -3.21 9.70 17.89
CA ASP A 295 -2.26 8.59 17.97
C ASP A 295 -1.98 7.99 16.61
N ALA A 296 -2.91 8.08 15.67
CA ALA A 296 -2.73 7.54 14.33
C ALA A 296 -3.85 8.05 13.43
N TYR A 297 -3.54 8.15 12.14
CA TYR A 297 -4.52 8.47 11.10
C TYR A 297 -4.71 7.24 10.24
N VAL A 298 -5.96 6.83 10.05
CA VAL A 298 -6.28 5.56 9.41
C VAL A 298 -7.21 5.80 8.24
N LEU A 299 -6.98 5.08 7.14
CA LEU A 299 -7.86 5.06 5.99
C LEU A 299 -8.28 3.62 5.70
N ASP A 300 -9.41 3.48 5.01
CA ASP A 300 -9.92 2.15 4.68
C ASP A 300 -9.24 1.66 3.41
N ASP A 301 -8.62 0.48 3.48
CA ASP A 301 -7.81 -0.06 2.40
C ASP A 301 -8.30 -1.45 2.04
N ALA A 302 -8.25 -1.78 0.75
CA ALA A 302 -8.63 -3.08 0.24
C ALA A 302 -7.43 -3.74 -0.43
N VAL A 303 -7.26 -5.04 -0.19
CA VAL A 303 -6.10 -5.79 -0.67
C VAL A 303 -6.58 -6.87 -1.63
N PHE A 304 -6.08 -6.83 -2.86
CA PHE A 304 -6.39 -7.81 -3.88
C PHE A 304 -5.13 -8.62 -4.18
N VAL A 305 -5.21 -9.93 -3.96
CA VAL A 305 -4.14 -10.85 -4.32
C VAL A 305 -4.57 -11.59 -5.58
N LEU A 306 -3.84 -11.36 -6.67
CA LEU A 306 -4.22 -11.87 -7.98
C LEU A 306 -3.13 -12.78 -8.52
N ARG A 307 -3.54 -13.73 -9.36
CA ARG A 307 -2.64 -14.64 -10.04
C ARG A 307 -2.64 -14.32 -11.53
N ALA A 308 -1.45 -14.27 -12.12
CA ALA A 308 -1.32 -13.86 -13.52
C ALA A 308 -1.90 -14.94 -14.43
N PRO A 309 -2.56 -14.55 -15.52
CA PRO A 309 -3.12 -15.54 -16.44
C PRO A 309 -2.01 -16.17 -17.28
N PRO A 310 -2.26 -17.37 -17.83
CA PRO A 310 -1.29 -18.06 -18.70
C PRO A 310 -0.96 -17.26 -19.96
#